data_6QVS
#
_entry.id   6QVS
#
_cell.length_a   138.816
_cell.length_b   94.369
_cell.length_c   64.472
_cell.angle_alpha   90.000
_cell.angle_beta   94.310
_cell.angle_gamma   90.000
#
_symmetry.space_group_name_H-M   'C 1 2 1'
#
loop_
_entity.id
_entity.type
_entity.pdbx_description
1 polymer 'Beta-galactoside alpha-2,6-sialyltransferase 1'
2 non-polymer DI(HYDROXYETHYL)ETHER
3 non-polymer GLYCEROL
4 water water
#
_entity_poly.entity_id   1
_entity_poly.type   'polypeptide(L)'
_entity_poly.pdbx_seq_one_letter_code
;GIKFSAEALRCHLRDHVNVSMVEVTDFPFNTSEWEGYLPKESIRTKAGPWGRCAVVSSAGSLKSSQLGREIDDHDAVLRF
NGAPTANFQQDVGTKTTIRLMNSQLVTTEKRFLKDSLYNEGILIVWDPSVYHSDIPKWYQNPDYNFFNNYKTYRKLHPNQ
PFYILKPQMPWELWDILQEISPEEIQPNPPSSGMLGIIIMMTLCDQVDIYEFLPSKRKTDVCYYYQKFFDSACTMGAYHP
LLYEKNLVKHLNQGTDEDIYLLGKATLPGFRTIHC
;
_entity_poly.pdbx_strand_id   A,B
#
loop_
_chem_comp.id
_chem_comp.type
_chem_comp.name
_chem_comp.formula
GOL non-polymer GLYCEROL 'C3 H8 O3'
PEG non-polymer DI(HYDROXYETHYL)ETHER 'C4 H10 O3'
#
# COMPACT_ATOMS: atom_id res chain seq x y z
N GLY A 1 -13.36 -11.42 -18.81
CA GLY A 1 -14.63 -10.79 -18.51
C GLY A 1 -15.17 -11.16 -17.14
N ILE A 2 -16.07 -10.32 -16.62
CA ILE A 2 -16.62 -10.52 -15.29
C ILE A 2 -17.50 -11.77 -15.28
N LYS A 3 -17.26 -12.67 -14.33
CA LYS A 3 -17.91 -13.96 -14.32
C LYS A 3 -19.25 -13.98 -13.59
N PHE A 4 -19.52 -13.01 -12.72
CA PHE A 4 -20.79 -12.97 -12.04
C PHE A 4 -21.79 -12.12 -12.82
N SER A 5 -23.08 -12.40 -12.62
CA SER A 5 -24.10 -11.50 -13.13
C SER A 5 -24.07 -10.20 -12.31
N ALA A 6 -24.71 -9.16 -12.85
CA ALA A 6 -24.81 -7.92 -12.08
C ALA A 6 -25.50 -8.17 -10.75
N GLU A 7 -26.57 -8.97 -10.77
CA GLU A 7 -27.33 -9.22 -9.55
C GLU A 7 -26.47 -9.94 -8.51
N ALA A 8 -25.69 -10.92 -8.93
CA ALA A 8 -24.83 -11.65 -8.00
C ALA A 8 -23.71 -10.76 -7.47
N LEU A 9 -23.16 -9.90 -8.34
CA LEU A 9 -22.09 -9.01 -7.92
C LEU A 9 -22.57 -8.00 -6.88
N ARG A 10 -23.77 -7.45 -7.06
CA ARG A 10 -24.31 -6.52 -6.06
C ARG A 10 -24.48 -7.20 -4.70
N CYS A 11 -24.93 -8.46 -4.70
CA CYS A 11 -25.05 -9.20 -3.46
C CYS A 11 -23.69 -9.43 -2.82
N HIS A 12 -22.69 -9.74 -3.65
CA HIS A 12 -21.33 -9.95 -3.15
C HIS A 12 -20.77 -8.66 -2.54
N LEU A 13 -21.01 -7.52 -3.19
CA LEU A 13 -20.57 -6.25 -2.65
C LEU A 13 -21.30 -5.92 -1.36
N ARG A 14 -22.61 -6.20 -1.31
CA ARG A 14 -23.39 -5.89 -0.12
C ARG A 14 -22.90 -6.66 1.08
N ASP A 15 -22.59 -7.94 0.89
CA ASP A 15 -22.26 -8.82 2.00
C ASP A 15 -20.79 -8.76 2.41
N HIS A 16 -19.88 -8.43 1.49
CA HIS A 16 -18.45 -8.52 1.78
C HIS A 16 -17.79 -7.18 2.08
N VAL A 17 -18.44 -6.05 1.79
CA VAL A 17 -17.84 -4.75 2.04
C VAL A 17 -18.60 -4.10 3.19
N ASN A 18 -17.94 -3.93 4.33
CA ASN A 18 -18.56 -3.33 5.51
C ASN A 18 -18.34 -1.82 5.43
N VAL A 19 -19.39 -1.09 5.03
CA VAL A 19 -19.32 0.37 4.93
C VAL A 19 -19.64 0.91 6.31
N SER A 20 -18.59 1.15 7.09
CA SER A 20 -18.73 1.58 8.48
CA SER A 20 -18.78 1.65 8.44
C SER A 20 -17.64 2.59 8.79
N MET A 21 -17.90 3.44 9.76
CA MET A 21 -16.98 4.46 10.20
C MET A 21 -16.37 4.09 11.54
N VAL A 22 -15.22 4.71 11.84
CA VAL A 22 -14.62 4.53 13.16
C VAL A 22 -15.57 5.07 14.22
N GLU A 23 -15.71 4.33 15.32
CA GLU A 23 -16.62 4.71 16.38
C GLU A 23 -15.85 5.02 17.67
N VAL A 24 -16.52 5.74 18.58
CA VAL A 24 -15.88 6.13 19.83
C VAL A 24 -15.50 4.91 20.66
N THR A 25 -16.07 3.74 20.36
CA THR A 25 -15.76 2.51 21.08
C THR A 25 -14.58 1.75 20.49
N ASP A 26 -14.01 2.20 19.37
CA ASP A 26 -12.90 1.52 18.71
C ASP A 26 -11.59 2.03 19.30
N PHE A 27 -10.88 1.20 20.06
CA PHE A 27 -9.58 1.62 20.56
C PHE A 27 -8.66 1.97 19.39
N PRO A 28 -7.91 3.09 19.46
CA PRO A 28 -7.72 3.99 20.59
C PRO A 28 -8.55 5.28 20.56
N PHE A 29 -9.66 5.26 19.86
CA PHE A 29 -10.50 6.45 19.82
C PHE A 29 -11.37 6.60 21.05
N ASN A 30 -11.20 5.69 22.03
CA ASN A 30 -11.84 5.80 23.33
C ASN A 30 -10.86 6.25 24.42
N THR A 31 -9.67 6.72 24.04
CA THR A 31 -8.73 7.29 24.97
C THR A 31 -9.08 8.74 25.27
N SER A 32 -8.53 9.27 26.37
CA SER A 32 -8.84 10.64 26.77
CA SER A 32 -8.80 10.64 26.80
C SER A 32 -8.44 11.64 25.71
N GLU A 33 -7.36 11.37 24.98
CA GLU A 33 -6.90 12.29 23.93
C GLU A 33 -7.97 12.48 22.86
N TRP A 34 -8.83 11.49 22.67
CA TRP A 34 -9.85 11.55 21.63
C TRP A 34 -11.24 11.89 22.16
N GLU A 35 -11.34 12.21 23.46
CA GLU A 35 -12.66 12.42 24.05
C GLU A 35 -13.40 13.54 23.35
N GLY A 36 -14.63 13.25 22.92
CA GLY A 36 -15.50 14.26 22.34
C GLY A 36 -15.29 14.55 20.88
N TYR A 37 -14.30 13.92 20.23
CA TYR A 37 -14.01 14.29 18.85
C TYR A 37 -14.86 13.55 17.83
N LEU A 38 -14.99 12.23 17.91
CA LEU A 38 -15.72 11.49 16.88
C LEU A 38 -17.23 11.69 17.05
N PRO A 39 -17.98 11.70 15.94
CA PRO A 39 -19.45 11.72 16.07
C PRO A 39 -19.92 10.53 16.88
N LYS A 40 -20.79 10.79 17.85
CA LYS A 40 -21.38 9.70 18.61
C LYS A 40 -22.57 9.07 17.90
N GLU A 41 -23.22 9.80 17.00
CA GLU A 41 -24.33 9.25 16.22
C GLU A 41 -23.83 8.71 14.88
N SER A 42 -24.30 7.52 14.54
CA SER A 42 -23.89 6.84 13.33
C SER A 42 -24.24 7.66 12.10
N ILE A 43 -23.43 7.51 11.04
CA ILE A 43 -23.72 8.25 9.82
C ILE A 43 -25.06 7.84 9.24
N ARG A 44 -25.50 6.61 9.49
CA ARG A 44 -26.78 6.12 8.98
CA ARG A 44 -26.78 6.16 8.96
C ARG A 44 -27.95 6.87 9.60
N THR A 45 -27.77 7.51 10.76
CA THR A 45 -28.83 8.32 11.33
C THR A 45 -28.83 9.74 10.79
N LYS A 46 -27.70 10.22 10.27
CA LYS A 46 -27.62 11.58 9.75
C LYS A 46 -27.75 11.65 8.24
N ALA A 47 -27.50 10.55 7.53
CA ALA A 47 -27.44 10.53 6.07
C ALA A 47 -28.50 9.57 5.55
N GLY A 48 -29.67 10.10 5.18
CA GLY A 48 -30.71 9.28 4.61
C GLY A 48 -31.44 8.44 5.65
N PRO A 49 -31.98 7.29 5.23
CA PRO A 49 -31.99 6.71 3.89
C PRO A 49 -32.64 7.60 2.83
N TRP A 50 -32.10 7.55 1.62
CA TRP A 50 -32.51 8.42 0.53
C TRP A 50 -33.05 7.62 -0.65
N GLY A 51 -33.87 8.28 -1.47
CA GLY A 51 -34.40 7.62 -2.65
C GLY A 51 -33.51 7.70 -3.87
N ARG A 52 -33.14 8.91 -4.28
CA ARG A 52 -32.36 9.11 -5.49
C ARG A 52 -31.16 9.96 -5.12
N CYS A 53 -29.96 9.51 -5.49
CA CYS A 53 -28.75 10.23 -5.12
CA CYS A 53 -28.72 10.19 -5.10
C CYS A 53 -27.84 10.39 -6.32
N ALA A 54 -26.93 11.36 -6.22
CA ALA A 54 -25.94 11.59 -7.24
C ALA A 54 -24.55 11.48 -6.64
N VAL A 55 -23.63 10.89 -7.43
CA VAL A 55 -22.20 10.95 -7.18
C VAL A 55 -21.60 11.76 -8.33
N VAL A 56 -20.89 12.84 -8.00
CA VAL A 56 -20.33 13.73 -9.00
C VAL A 56 -18.82 13.61 -8.96
N SER A 57 -18.24 13.03 -10.02
CA SER A 57 -16.79 12.99 -10.09
CA SER A 57 -16.79 12.99 -10.15
C SER A 57 -16.22 14.41 -10.18
N SER A 58 -14.91 14.50 -10.07
CA SER A 58 -14.25 15.80 -10.21
C SER A 58 -13.68 15.98 -11.61
N ALA A 59 -14.02 15.09 -12.54
CA ALA A 59 -13.33 14.99 -13.82
C ALA A 59 -13.45 16.27 -14.64
N GLY A 60 -12.43 16.52 -15.47
CA GLY A 60 -12.49 17.66 -16.35
C GLY A 60 -13.64 17.64 -17.33
N SER A 61 -14.15 16.44 -17.65
CA SER A 61 -15.27 16.30 -18.57
C SER A 61 -16.58 16.84 -18.02
N LEU A 62 -16.62 17.28 -16.75
CA LEU A 62 -17.81 17.99 -16.26
C LEU A 62 -17.87 19.43 -16.76
N LYS A 63 -16.73 20.00 -17.15
CA LYS A 63 -16.74 21.36 -17.69
C LYS A 63 -17.56 21.41 -18.97
N SER A 64 -18.45 22.40 -19.05
CA SER A 64 -19.40 22.59 -20.15
C SER A 64 -20.40 21.44 -20.30
N SER A 65 -20.58 20.60 -19.28
CA SER A 65 -21.57 19.53 -19.38
C SER A 65 -23.00 20.02 -19.17
N GLN A 66 -23.17 21.17 -18.51
CA GLN A 66 -24.50 21.69 -18.17
C GLN A 66 -25.33 20.65 -17.40
N LEU A 67 -24.66 19.86 -16.55
CA LEU A 67 -25.37 18.82 -15.79
C LEU A 67 -25.95 19.31 -14.46
N GLY A 68 -25.85 20.61 -14.17
CA GLY A 68 -26.18 21.10 -12.84
C GLY A 68 -27.63 20.84 -12.42
N ARG A 69 -28.58 21.05 -13.34
N ARG A 69 -28.58 21.04 -13.33
CA ARG A 69 -29.98 20.80 -12.98
CA ARG A 69 -29.97 20.80 -12.97
C ARG A 69 -30.24 19.32 -12.77
C ARG A 69 -30.24 19.32 -12.77
N GLU A 70 -29.67 18.48 -13.64
CA GLU A 70 -29.80 17.03 -13.49
C GLU A 70 -29.21 16.56 -12.17
N ILE A 71 -28.06 17.11 -11.80
CA ILE A 71 -27.42 16.71 -10.54
C ILE A 71 -28.23 17.15 -9.34
N ASP A 72 -28.74 18.39 -9.35
CA ASP A 72 -29.47 18.89 -8.19
C ASP A 72 -30.81 18.19 -7.98
N ASP A 73 -31.35 17.53 -9.02
CA ASP A 73 -32.63 16.83 -8.93
C ASP A 73 -32.42 15.45 -8.29
N HIS A 74 -31.89 15.48 -7.07
CA HIS A 74 -31.63 14.29 -6.26
C HIS A 74 -31.81 14.64 -4.79
N ASP A 75 -32.02 13.61 -3.97
CA ASP A 75 -32.14 13.83 -2.54
C ASP A 75 -30.79 14.20 -1.92
N ALA A 76 -29.70 13.65 -2.46
CA ALA A 76 -28.38 13.87 -1.90
C ALA A 76 -27.36 13.82 -3.01
N VAL A 77 -26.28 14.57 -2.84
CA VAL A 77 -25.18 14.64 -3.80
C VAL A 77 -23.88 14.40 -3.05
N LEU A 78 -23.07 13.45 -3.52
CA LEU A 78 -21.73 13.25 -2.97
C LEU A 78 -20.69 13.84 -3.92
N ARG A 79 -19.71 14.55 -3.34
CA ARG A 79 -18.58 15.11 -4.09
C ARG A 79 -17.27 14.68 -3.42
N PHE A 80 -16.15 15.00 -4.07
CA PHE A 80 -14.84 14.51 -3.63
C PHE A 80 -13.86 15.64 -3.34
N ASN A 81 -13.05 15.44 -2.30
CA ASN A 81 -11.89 16.28 -1.95
C ASN A 81 -12.33 17.74 -1.96
N GLY A 82 -11.62 18.63 -2.65
CA GLY A 82 -11.94 20.05 -2.61
C GLY A 82 -12.76 20.54 -3.78
N ALA A 83 -13.50 19.64 -4.44
CA ALA A 83 -14.25 20.04 -5.64
C ALA A 83 -15.27 21.11 -5.30
N PRO A 84 -15.25 22.26 -5.97
CA PRO A 84 -16.14 23.37 -5.64
C PRO A 84 -17.41 23.41 -6.48
N THR A 85 -18.47 23.98 -5.93
CA THR A 85 -19.64 24.31 -6.72
C THR A 85 -19.66 25.77 -7.15
N ALA A 86 -19.11 26.66 -6.33
CA ALA A 86 -19.11 28.08 -6.67
C ALA A 86 -18.41 28.30 -8.01
N ASN A 87 -19.05 29.08 -8.89
CA ASN A 87 -18.59 29.40 -10.24
C ASN A 87 -18.71 28.22 -11.20
N PHE A 88 -19.29 27.10 -10.77
CA PHE A 88 -19.45 25.93 -11.63
C PHE A 88 -20.87 25.36 -11.54
N GLN A 89 -21.81 26.06 -10.91
CA GLN A 89 -23.10 25.45 -10.59
C GLN A 89 -23.86 24.97 -11.82
N GLN A 90 -23.71 25.66 -12.97
CA GLN A 90 -24.42 25.23 -14.16
C GLN A 90 -23.93 23.87 -14.66
N ASP A 91 -22.68 23.51 -14.35
CA ASP A 91 -22.10 22.25 -14.78
C ASP A 91 -22.23 21.16 -13.72
N VAL A 92 -22.04 21.49 -12.45
CA VAL A 92 -21.90 20.46 -11.42
C VAL A 92 -22.97 20.53 -10.34
N GLY A 93 -23.89 21.50 -10.39
CA GLY A 93 -24.92 21.60 -9.39
C GLY A 93 -24.57 22.55 -8.25
N THR A 94 -25.53 22.70 -7.33
CA THR A 94 -25.40 23.64 -6.22
C THR A 94 -25.26 23.00 -4.85
N LYS A 95 -25.65 21.74 -4.68
CA LYS A 95 -25.69 21.21 -3.32
C LYS A 95 -24.62 20.16 -3.13
N THR A 96 -24.21 20.03 -1.87
CA THR A 96 -23.19 19.07 -1.46
C THR A 96 -23.69 18.46 -0.16
N THR A 97 -24.09 17.19 -0.21
CA THR A 97 -24.62 16.52 0.97
C THR A 97 -23.54 15.73 1.71
N ILE A 98 -22.69 15.05 0.97
CA ILE A 98 -21.58 14.30 1.53
C ILE A 98 -20.33 14.66 0.74
N ARG A 99 -19.23 14.88 1.44
CA ARG A 99 -17.95 15.14 0.77
C ARG A 99 -16.93 14.12 1.27
N LEU A 100 -16.43 13.28 0.37
CA LEU A 100 -15.46 12.24 0.73
C LEU A 100 -14.08 12.75 0.36
N MET A 101 -13.18 12.77 1.34
CA MET A 101 -11.85 13.37 1.21
C MET A 101 -10.78 12.33 1.51
N ASN A 102 -9.68 12.40 0.76
CA ASN A 102 -8.55 11.57 1.14
C ASN A 102 -7.75 12.24 2.26
N SER A 103 -7.03 11.40 3.02
CA SER A 103 -6.28 11.92 4.17
C SER A 103 -5.14 12.84 3.73
N GLN A 104 -4.64 12.69 2.50
CA GLN A 104 -3.62 13.64 2.02
C GLN A 104 -4.14 15.07 2.05
N LEU A 105 -5.40 15.27 1.63
CA LEU A 105 -5.97 16.62 1.64
CA LEU A 105 -5.97 16.62 1.64
C LEU A 105 -6.06 17.16 3.07
N VAL A 106 -6.65 16.38 3.97
CA VAL A 106 -6.82 16.88 5.33
C VAL A 106 -5.47 17.17 5.97
N THR A 107 -4.45 16.37 5.64
CA THR A 107 -3.13 16.53 6.25
C THR A 107 -2.35 17.71 5.68
N THR A 108 -2.35 17.90 4.35
CA THR A 108 -1.40 18.79 3.72
C THR A 108 -2.00 19.99 3.01
N GLU A 109 -3.32 20.03 2.80
CA GLU A 109 -3.94 21.14 2.07
C GLU A 109 -4.36 22.20 3.09
N LYS A 110 -3.60 23.31 3.14
CA LYS A 110 -3.90 24.34 4.14
C LYS A 110 -5.31 24.92 3.96
N ARG A 111 -5.84 24.93 2.74
CA ARG A 111 -7.17 25.47 2.52
C ARG A 111 -8.26 24.64 3.20
N PHE A 112 -7.97 23.40 3.58
CA PHE A 112 -8.99 22.62 4.26
C PHE A 112 -9.47 23.31 5.55
N LEU A 113 -8.56 23.97 6.26
CA LEU A 113 -8.94 24.64 7.50
C LEU A 113 -9.41 26.08 7.27
N LYS A 114 -9.45 26.56 6.03
CA LYS A 114 -9.82 27.95 5.77
C LYS A 114 -11.03 28.10 4.86
N ASP A 115 -11.17 27.25 3.84
CA ASP A 115 -12.15 27.48 2.78
C ASP A 115 -13.56 27.07 3.22
N SER A 116 -14.53 27.94 2.99
CA SER A 116 -15.88 27.68 3.48
C SER A 116 -16.55 26.53 2.75
N LEU A 117 -16.04 26.12 1.57
CA LEU A 117 -16.72 25.06 0.83
C LEU A 117 -16.81 23.77 1.63
N TYR A 118 -15.87 23.54 2.55
CA TYR A 118 -15.88 22.32 3.35
C TYR A 118 -16.97 22.30 4.41
N ASN A 119 -17.58 23.44 4.72
CA ASN A 119 -18.44 23.53 5.89
C ASN A 119 -19.85 22.99 5.63
N GLU A 120 -20.17 22.65 4.39
CA GLU A 120 -21.50 22.17 4.01
C GLU A 120 -21.57 20.65 4.08
N GLY A 121 -22.72 20.13 4.52
CA GLY A 121 -22.94 18.68 4.45
C GLY A 121 -22.12 17.86 5.46
N ILE A 122 -22.05 16.56 5.18
CA ILE A 122 -21.34 15.58 6.01
C ILE A 122 -19.98 15.32 5.39
N LEU A 123 -18.92 15.36 6.19
CA LEU A 123 -17.58 15.07 5.71
C LEU A 123 -17.20 13.64 6.07
N ILE A 124 -16.49 12.98 5.16
CA ILE A 124 -15.85 11.69 5.44
C ILE A 124 -14.40 11.79 4.99
N VAL A 125 -13.47 11.38 5.85
CA VAL A 125 -12.05 11.27 5.48
C VAL A 125 -11.66 9.80 5.51
N TRP A 126 -10.82 9.40 4.57
CA TRP A 126 -10.30 8.03 4.58
C TRP A 126 -8.80 8.04 4.32
N ASP A 127 -8.13 7.05 4.88
CA ASP A 127 -6.68 6.96 4.81
C ASP A 127 -6.31 5.54 4.38
N PRO A 128 -5.44 5.39 3.37
CA PRO A 128 -4.98 4.04 2.99
C PRO A 128 -4.21 3.38 4.14
N SER A 129 -4.52 2.12 4.38
CA SER A 129 -3.87 1.36 5.44
C SER A 129 -3.11 0.20 4.80
N VAL A 130 -2.27 -0.43 5.62
CA VAL A 130 -1.69 -1.72 5.22
C VAL A 130 -2.82 -2.73 5.06
N TYR A 131 -2.74 -3.53 4.00
CA TYR A 131 -3.72 -4.58 3.77
C TYR A 131 -3.82 -5.50 4.99
N HIS A 132 -5.05 -5.69 5.48
CA HIS A 132 -5.42 -6.53 6.62
C HIS A 132 -4.93 -5.99 7.96
N SER A 133 -4.67 -4.70 8.05
CA SER A 133 -4.42 -4.08 9.34
CA SER A 133 -4.42 -4.06 9.34
C SER A 133 -5.73 -3.77 10.05
N ASP A 134 -5.74 -3.91 11.38
CA ASP A 134 -6.92 -3.50 12.12
C ASP A 134 -6.74 -2.06 12.57
N ILE A 135 -7.71 -1.53 13.31
CA ILE A 135 -7.68 -0.11 13.65
C ILE A 135 -6.50 0.25 14.53
N PRO A 136 -6.19 -0.47 15.62
CA PRO A 136 -5.03 -0.06 16.43
C PRO A 136 -3.71 -0.11 15.67
N LYS A 137 -3.53 -1.07 14.77
CA LYS A 137 -2.28 -1.14 13.99
C LYS A 137 -2.19 -0.01 12.99
N TRP A 138 -3.29 0.26 12.28
CA TRP A 138 -3.31 1.37 11.34
C TRP A 138 -3.06 2.70 12.05
N TYR A 139 -3.67 2.88 13.22
CA TYR A 139 -3.54 4.13 13.95
C TYR A 139 -2.09 4.48 14.21
N GLN A 140 -1.26 3.46 14.47
CA GLN A 140 0.15 3.70 14.79
C GLN A 140 0.94 4.26 13.61
N ASN A 141 0.47 4.11 12.36
CA ASN A 141 1.22 4.68 11.25
C ASN A 141 0.30 4.92 10.06
N PRO A 142 -0.54 5.93 10.12
CA PRO A 142 -1.41 6.26 8.98
C PRO A 142 -0.57 6.64 7.77
N ASP A 143 -1.15 6.48 6.58
CA ASP A 143 -0.47 6.91 5.36
C ASP A 143 -0.17 8.40 5.40
N TYR A 144 -1.19 9.22 5.66
CA TYR A 144 -1.01 10.63 5.98
C TYR A 144 -1.60 10.86 7.36
N ASN A 145 -0.81 11.46 8.25
CA ASN A 145 -1.30 11.59 9.63
C ASN A 145 -2.19 12.81 9.72
N PHE A 146 -3.48 12.58 9.49
CA PHE A 146 -4.49 13.63 9.42
C PHE A 146 -5.10 13.95 10.78
N PHE A 147 -4.70 13.24 11.84
CA PHE A 147 -5.43 13.29 13.10
C PHE A 147 -5.43 14.70 13.71
N ASN A 148 -4.30 15.41 13.68
CA ASN A 148 -4.24 16.74 14.27
C ASN A 148 -5.17 17.71 13.54
N ASN A 149 -5.15 17.69 12.21
CA ASN A 149 -6.00 18.61 11.47
C ASN A 149 -7.46 18.20 11.55
N TYR A 150 -7.75 16.90 11.65
CA TYR A 150 -9.10 16.46 11.95
C TYR A 150 -9.60 17.10 13.23
N LYS A 151 -8.80 17.01 14.30
CA LYS A 151 -9.21 17.55 15.59
C LYS A 151 -9.36 19.06 15.52
N THR A 152 -8.44 19.75 14.83
CA THR A 152 -8.55 21.20 14.70
C THR A 152 -9.83 21.58 13.97
N TYR A 153 -10.16 20.88 12.89
CA TYR A 153 -11.39 21.17 12.17
C TYR A 153 -12.62 20.92 13.04
N ARG A 154 -12.61 19.82 13.79
CA ARG A 154 -13.74 19.49 14.65
C ARG A 154 -13.99 20.59 15.67
N LYS A 155 -12.92 21.18 16.19
CA LYS A 155 -13.09 22.26 17.16
C LYS A 155 -13.61 23.53 16.50
N LEU A 156 -13.18 23.81 15.27
CA LEU A 156 -13.69 24.95 14.53
C LEU A 156 -15.15 24.78 14.14
N HIS A 157 -15.59 23.54 13.90
CA HIS A 157 -16.90 23.25 13.33
C HIS A 157 -17.53 22.08 14.07
N PRO A 158 -17.85 22.27 15.36
CA PRO A 158 -18.27 21.13 16.19
C PRO A 158 -19.58 20.50 15.78
N ASN A 159 -20.43 21.22 15.03
CA ASN A 159 -21.75 20.71 14.69
C ASN A 159 -21.85 20.25 13.24
N GLN A 160 -20.72 20.10 12.55
CA GLN A 160 -20.72 19.47 11.24
C GLN A 160 -20.28 18.02 11.38
N PRO A 161 -21.10 17.03 11.02
CA PRO A 161 -20.67 15.63 11.14
C PRO A 161 -19.48 15.34 10.25
N PHE A 162 -18.46 14.68 10.84
CA PHE A 162 -17.16 14.50 10.18
C PHE A 162 -16.69 13.11 10.61
N TYR A 163 -16.81 12.14 9.71
CA TYR A 163 -16.54 10.74 10.02
C TYR A 163 -15.21 10.31 9.42
N ILE A 164 -14.64 9.27 10.04
CA ILE A 164 -13.43 8.60 9.54
C ILE A 164 -13.83 7.22 9.05
N LEU A 165 -13.55 6.91 7.79
CA LEU A 165 -13.87 5.59 7.26
C LEU A 165 -13.00 4.52 7.92
N LYS A 166 -13.60 3.37 8.23
CA LYS A 166 -12.78 2.28 8.77
C LYS A 166 -11.71 1.86 7.76
N PRO A 167 -10.50 1.53 8.22
CA PRO A 167 -9.43 1.19 7.27
C PRO A 167 -9.71 -0.07 6.49
N GLN A 168 -10.51 -0.99 7.02
CA GLN A 168 -10.76 -2.26 6.34
C GLN A 168 -11.61 -2.10 5.10
N MET A 169 -12.42 -1.04 5.00
CA MET A 169 -13.41 -1.02 3.93
C MET A 169 -12.78 -0.95 2.55
N PRO A 170 -11.80 -0.08 2.27
CA PRO A 170 -11.25 -0.05 0.91
C PRO A 170 -10.64 -1.36 0.48
N TRP A 171 -10.04 -2.12 1.41
CA TRP A 171 -9.43 -3.38 1.03
C TRP A 171 -10.47 -4.48 0.85
N GLU A 172 -11.60 -4.41 1.56
CA GLU A 172 -12.70 -5.34 1.27
C GLU A 172 -13.21 -5.13 -0.15
N LEU A 173 -13.32 -3.87 -0.58
CA LEU A 173 -13.71 -3.60 -1.95
C LEU A 173 -12.64 -4.07 -2.92
N TRP A 174 -11.36 -3.84 -2.59
CA TRP A 174 -10.26 -4.31 -3.43
C TRP A 174 -10.33 -5.81 -3.67
N ASP A 175 -10.66 -6.58 -2.62
CA ASP A 175 -10.76 -8.03 -2.72
C ASP A 175 -11.74 -8.43 -3.83
N ILE A 176 -12.88 -7.74 -3.92
CA ILE A 176 -13.86 -8.06 -4.95
C ILE A 176 -13.37 -7.62 -6.32
N LEU A 177 -12.72 -6.45 -6.41
CA LEU A 177 -12.09 -6.05 -7.65
C LEU A 177 -11.06 -7.08 -8.12
N GLN A 178 -10.31 -7.66 -7.18
CA GLN A 178 -9.34 -8.68 -7.57
C GLN A 178 -10.05 -9.95 -8.04
N GLU A 179 -11.08 -10.37 -7.31
CA GLU A 179 -11.82 -11.58 -7.67
C GLU A 179 -12.34 -11.52 -9.10
N ILE A 180 -12.70 -10.35 -9.59
CA ILE A 180 -13.29 -10.24 -10.93
C ILE A 180 -12.31 -9.78 -12.00
N SER A 181 -11.17 -9.20 -11.61
CA SER A 181 -10.18 -8.70 -12.57
C SER A 181 -8.78 -9.03 -12.09
N PRO A 182 -8.49 -10.31 -11.87
CA PRO A 182 -7.24 -10.66 -11.17
C PRO A 182 -5.98 -10.31 -11.95
N GLU A 183 -5.98 -10.47 -13.28
CA GLU A 183 -4.74 -10.27 -14.02
C GLU A 183 -4.35 -8.80 -14.14
N GLU A 184 -5.31 -7.88 -13.98
CA GLU A 184 -5.05 -6.47 -14.21
C GLU A 184 -4.92 -5.64 -12.94
N ILE A 185 -5.35 -6.16 -11.80
CA ILE A 185 -5.49 -5.29 -10.63
C ILE A 185 -4.12 -4.87 -10.13
N GLN A 186 -4.02 -3.64 -9.66
CA GLN A 186 -2.81 -3.08 -9.10
C GLN A 186 -2.94 -3.03 -7.59
N PRO A 187 -1.83 -3.05 -6.85
CA PRO A 187 -1.95 -3.07 -5.38
C PRO A 187 -2.27 -1.74 -4.74
N ASN A 188 -2.68 -0.73 -5.51
CA ASN A 188 -3.19 0.50 -4.90
C ASN A 188 -4.62 0.27 -4.40
N PRO A 189 -5.03 0.96 -3.33
CA PRO A 189 -6.43 0.87 -2.88
C PRO A 189 -7.35 1.44 -3.94
N PRO A 190 -8.64 1.12 -3.86
CA PRO A 190 -9.60 1.69 -4.82
C PRO A 190 -9.58 3.20 -4.77
N SER A 191 -10.00 3.81 -5.88
CA SER A 191 -10.07 5.26 -5.94
C SER A 191 -11.16 5.79 -5.02
N SER A 192 -11.00 7.04 -4.60
CA SER A 192 -12.05 7.70 -3.83
C SER A 192 -13.40 7.60 -4.53
N GLY A 193 -13.39 7.78 -5.86
CA GLY A 193 -14.63 7.70 -6.63
C GLY A 193 -15.33 6.36 -6.44
N MET A 194 -14.57 5.26 -6.53
CA MET A 194 -15.17 3.95 -6.32
C MET A 194 -15.70 3.81 -4.89
N LEU A 195 -14.95 4.31 -3.91
CA LEU A 195 -15.43 4.26 -2.53
C LEU A 195 -16.73 5.06 -2.37
N GLY A 196 -16.80 6.23 -3.01
CA GLY A 196 -18.00 7.05 -2.90
C GLY A 196 -19.22 6.39 -3.49
N ILE A 197 -19.03 5.67 -4.61
CA ILE A 197 -20.13 4.91 -5.21
C ILE A 197 -20.68 3.88 -4.23
N ILE A 198 -19.80 3.10 -3.59
CA ILE A 198 -20.27 2.07 -2.67
C ILE A 198 -20.90 2.69 -1.43
N ILE A 199 -20.34 3.81 -0.95
CA ILE A 199 -20.98 4.53 0.15
C ILE A 199 -22.40 4.93 -0.20
N MET A 200 -22.60 5.54 -1.37
CA MET A 200 -23.97 5.97 -1.71
C MET A 200 -24.89 4.78 -1.97
N MET A 201 -24.36 3.66 -2.48
CA MET A 201 -25.21 2.46 -2.61
C MET A 201 -25.70 1.97 -1.26
N THR A 202 -25.00 2.33 -0.17
CA THR A 202 -25.40 1.94 1.17
C THR A 202 -26.50 2.84 1.73
N LEU A 203 -26.60 4.08 1.24
CA LEU A 203 -27.50 5.06 1.82
C LEU A 203 -28.68 5.40 0.93
N CYS A 204 -28.71 4.91 -0.30
CA CYS A 204 -29.66 5.37 -1.30
CA CYS A 204 -29.65 5.38 -1.33
C CYS A 204 -30.28 4.20 -2.04
N ASP A 205 -31.46 4.45 -2.61
CA ASP A 205 -32.12 3.42 -3.41
C ASP A 205 -31.60 3.39 -4.85
N GLN A 206 -31.17 4.52 -5.38
CA GLN A 206 -30.69 4.60 -6.74
C GLN A 206 -29.57 5.65 -6.77
N VAL A 207 -28.46 5.32 -7.43
CA VAL A 207 -27.28 6.17 -7.44
C VAL A 207 -26.96 6.53 -8.88
N ASP A 208 -27.15 7.80 -9.23
CA ASP A 208 -26.71 8.32 -10.52
C ASP A 208 -25.28 8.81 -10.41
N ILE A 209 -24.42 8.35 -11.31
CA ILE A 209 -22.98 8.61 -11.20
C ILE A 209 -22.55 9.39 -12.43
N TYR A 210 -22.00 10.59 -12.23
CA TYR A 210 -21.75 11.52 -13.32
C TYR A 210 -20.26 11.64 -13.62
N GLU A 211 -19.88 11.31 -14.85
CA GLU A 211 -18.54 11.46 -15.42
C GLU A 211 -17.50 10.62 -14.68
N PHE A 212 -17.93 9.48 -14.15
CA PHE A 212 -17.00 8.42 -13.76
C PHE A 212 -16.71 7.52 -14.96
N LEU A 213 -17.77 7.02 -15.59
CA LEU A 213 -17.65 6.57 -16.97
C LEU A 213 -17.66 7.80 -17.84
N PRO A 214 -16.61 8.05 -18.62
CA PRO A 214 -16.52 9.33 -19.33
C PRO A 214 -17.51 9.43 -20.47
N SER A 215 -17.96 10.65 -20.71
CA SER A 215 -18.86 10.96 -21.80
C SER A 215 -18.06 11.31 -23.05
N LYS A 216 -18.77 11.88 -24.04
CA LYS A 216 -18.12 12.46 -25.20
C LYS A 216 -17.19 13.61 -24.85
N ARG A 217 -17.27 14.15 -23.63
CA ARG A 217 -16.41 15.22 -23.18
C ARG A 217 -15.08 14.73 -22.58
N LYS A 218 -14.79 13.43 -22.69
CA LYS A 218 -13.56 12.87 -22.13
C LYS A 218 -12.35 13.72 -22.50
N THR A 219 -11.47 13.93 -21.52
CA THR A 219 -10.39 14.89 -21.70
C THR A 219 -9.25 14.52 -20.75
N ASP A 220 -8.05 14.98 -21.10
CA ASP A 220 -6.92 14.79 -20.21
C ASP A 220 -6.82 15.89 -19.15
N VAL A 221 -7.70 16.89 -19.19
CA VAL A 221 -7.83 17.78 -18.04
C VAL A 221 -8.33 16.97 -16.86
N CYS A 222 -7.57 16.99 -15.75
CA CYS A 222 -7.86 16.08 -14.64
C CYS A 222 -9.08 16.51 -13.85
N TYR A 223 -9.24 17.82 -13.63
CA TYR A 223 -10.28 18.35 -12.76
C TYR A 223 -11.04 19.45 -13.48
N TYR A 224 -12.36 19.50 -13.30
CA TYR A 224 -13.13 20.54 -13.98
C TYR A 224 -12.77 21.94 -13.49
N TYR A 225 -12.17 22.06 -12.31
CA TYR A 225 -11.80 23.34 -11.73
C TYR A 225 -10.33 23.65 -11.92
N GLN A 226 -9.64 22.84 -12.72
CA GLN A 226 -8.24 23.07 -13.06
C GLN A 226 -8.09 24.30 -13.94
N LYS A 227 -7.06 25.10 -13.67
CA LYS A 227 -6.75 26.28 -14.48
C LYS A 227 -5.61 26.06 -15.46
N PHE A 228 -4.72 25.12 -15.18
CA PHE A 228 -3.60 24.78 -16.04
C PHE A 228 -3.03 23.47 -15.51
N PHE A 229 -2.11 22.88 -16.29
CA PHE A 229 -1.50 21.62 -15.89
C PHE A 229 -0.34 21.86 -14.93
N ASP A 230 -0.29 21.09 -13.85
CA ASP A 230 0.82 21.17 -12.91
C ASP A 230 1.00 19.79 -12.26
N SER A 231 1.65 19.76 -11.10
CA SER A 231 1.94 18.46 -10.49
C SER A 231 0.68 17.71 -10.09
N ALA A 232 -0.46 18.39 -9.97
CA ALA A 232 -1.74 17.71 -9.71
C ALA A 232 -2.32 17.05 -10.95
N CYS A 233 -1.80 17.34 -12.14
CA CYS A 233 -2.30 16.72 -13.38
C CYS A 233 -1.10 16.56 -14.33
N THR A 234 -0.48 15.38 -14.29
CA THR A 234 0.74 15.15 -15.07
C THR A 234 0.62 14.02 -16.09
N LEU A 241 -8.91 3.75 -13.23
CA LEU A 241 -8.41 2.47 -13.69
C LEU A 241 -9.51 1.69 -14.39
N LEU A 242 -9.08 0.89 -15.38
CA LEU A 242 -10.04 0.24 -16.26
C LEU A 242 -10.97 -0.69 -15.49
N TYR A 243 -10.45 -1.41 -14.49
CA TYR A 243 -11.28 -2.39 -13.82
C TYR A 243 -12.33 -1.75 -12.91
N GLU A 244 -12.09 -0.55 -12.39
CA GLU A 244 -13.14 0.12 -11.64
C GLU A 244 -14.26 0.57 -12.57
N LYS A 245 -13.89 1.17 -13.71
CA LYS A 245 -14.90 1.55 -14.68
C LYS A 245 -15.65 0.33 -15.19
N ASN A 246 -14.97 -0.80 -15.35
CA ASN A 246 -15.64 -2.00 -15.85
C ASN A 246 -16.66 -2.55 -14.85
N LEU A 247 -16.35 -2.47 -13.55
CA LEU A 247 -17.32 -2.87 -12.54
C LEU A 247 -18.55 -1.98 -12.60
N VAL A 248 -18.34 -0.67 -12.71
CA VAL A 248 -19.48 0.24 -12.75
C VAL A 248 -20.31 0.01 -14.01
N LYS A 249 -19.65 -0.20 -15.14
CA LYS A 249 -20.38 -0.50 -16.38
C LYS A 249 -21.20 -1.78 -16.22
N HIS A 250 -20.64 -2.78 -15.54
CA HIS A 250 -21.33 -4.05 -15.38
C HIS A 250 -22.59 -3.90 -14.54
N LEU A 251 -22.60 -2.98 -13.57
CA LEU A 251 -23.74 -2.78 -12.69
C LEU A 251 -24.69 -1.72 -13.19
N ASN A 252 -24.37 -1.07 -14.30
CA ASN A 252 -25.16 0.04 -14.82
C ASN A 252 -26.51 -0.45 -15.32
N GLN A 253 -27.57 0.24 -14.92
CA GLN A 253 -28.90 -0.04 -15.43
C GLN A 253 -29.39 1.03 -16.39
N GLY A 254 -28.58 2.06 -16.67
CA GLY A 254 -28.95 3.10 -17.59
C GLY A 254 -28.54 2.78 -19.03
N THR A 255 -28.92 3.70 -19.93
CA THR A 255 -28.71 3.49 -21.35
C THR A 255 -27.29 3.87 -21.78
N ASP A 256 -26.88 3.32 -22.92
CA ASP A 256 -25.59 3.67 -23.49
C ASP A 256 -25.56 5.12 -23.93
N GLU A 257 -26.70 5.67 -24.37
CA GLU A 257 -26.74 7.07 -24.78
C GLU A 257 -26.54 7.99 -23.58
N ASP A 258 -27.03 7.59 -22.41
CA ASP A 258 -26.84 8.42 -21.22
C ASP A 258 -25.37 8.48 -20.81
N ILE A 259 -24.61 7.40 -21.03
CA ILE A 259 -23.17 7.48 -20.80
C ILE A 259 -22.53 8.47 -21.77
N TYR A 260 -22.86 8.32 -23.06
CA TYR A 260 -22.20 9.13 -24.09
C TYR A 260 -22.57 10.61 -23.98
N LEU A 261 -23.85 10.90 -23.74
CA LEU A 261 -24.32 12.29 -23.74
C LEU A 261 -24.16 12.97 -22.38
N LEU A 262 -24.53 12.27 -21.30
CA LEU A 262 -24.54 12.86 -19.96
C LEU A 262 -23.41 12.37 -19.07
N GLY A 263 -22.60 11.43 -19.54
CA GLY A 263 -21.64 10.81 -18.64
C GLY A 263 -22.29 10.12 -17.45
N LYS A 264 -23.50 9.60 -17.63
CA LYS A 264 -24.33 9.16 -16.51
C LYS A 264 -24.46 7.64 -16.49
N ALA A 265 -24.10 7.03 -15.36
CA ALA A 265 -24.47 5.65 -15.05
C ALA A 265 -25.48 5.66 -13.91
N THR A 266 -26.29 4.60 -13.83
CA THR A 266 -27.31 4.50 -12.80
C THR A 266 -27.22 3.13 -12.14
N LEU A 267 -26.89 3.12 -10.85
CA LEU A 267 -26.72 1.87 -10.13
C LEU A 267 -27.75 1.75 -9.02
N PRO A 268 -28.43 0.62 -8.89
CA PRO A 268 -29.36 0.45 -7.77
C PRO A 268 -28.60 0.33 -6.46
N GLY A 269 -29.25 0.81 -5.38
CA GLY A 269 -28.70 0.73 -4.06
C GLY A 269 -28.93 -0.62 -3.41
N PHE A 270 -28.20 -0.86 -2.32
CA PHE A 270 -28.24 -2.18 -1.69
C PHE A 270 -29.59 -2.48 -1.06
N ARG A 271 -30.31 -1.45 -0.59
CA ARG A 271 -31.58 -1.68 0.09
C ARG A 271 -32.58 -2.38 -0.82
N THR A 272 -32.47 -2.18 -2.14
CA THR A 272 -33.47 -2.60 -3.10
C THR A 272 -33.19 -3.96 -3.73
N ILE A 273 -32.04 -4.60 -3.44
CA ILE A 273 -31.66 -5.81 -4.15
C ILE A 273 -32.14 -7.03 -3.37
N HIS A 274 -32.26 -8.15 -4.08
CA HIS A 274 -32.68 -9.42 -3.50
C HIS A 274 -31.55 -10.42 -3.57
N CYS A 275 -31.21 -11.01 -2.42
CA CYS A 275 -30.12 -11.95 -2.34
C CYS A 275 -30.56 -13.23 -1.62
N GLY B 1 -2.95 -17.70 -14.57
CA GLY B 1 -1.58 -17.24 -14.36
C GLY B 1 -0.58 -17.87 -15.29
N ILE B 2 0.58 -17.23 -15.42
CA ILE B 2 1.66 -17.74 -16.27
C ILE B 2 2.43 -18.81 -15.52
N LYS B 3 2.76 -19.89 -16.22
CA LYS B 3 3.53 -21.00 -15.66
C LYS B 3 4.89 -21.03 -16.35
N PHE B 4 5.83 -20.24 -15.83
CA PHE B 4 7.19 -20.21 -16.36
C PHE B 4 7.89 -21.53 -16.08
N SER B 5 8.86 -21.86 -16.94
CA SER B 5 9.88 -22.79 -16.53
C SER B 5 10.81 -22.07 -15.55
N ALA B 6 11.56 -22.86 -14.76
CA ALA B 6 12.51 -22.26 -13.84
C ALA B 6 13.51 -21.39 -14.59
N GLU B 7 13.99 -21.86 -15.74
CA GLU B 7 14.95 -21.08 -16.51
C GLU B 7 14.32 -19.80 -17.03
N ALA B 8 13.05 -19.87 -17.46
CA ALA B 8 12.35 -18.68 -17.93
C ALA B 8 12.14 -17.69 -16.78
N LEU B 9 11.71 -18.20 -15.61
CA LEU B 9 11.49 -17.34 -14.45
C LEU B 9 12.77 -16.61 -14.04
N ARG B 10 13.89 -17.32 -13.99
CA ARG B 10 15.15 -16.67 -13.63
C ARG B 10 15.50 -15.57 -14.61
N CYS B 11 15.25 -15.79 -15.90
CA CYS B 11 15.53 -14.76 -16.89
C CYS B 11 14.59 -13.58 -16.72
N HIS B 12 13.32 -13.86 -16.41
CA HIS B 12 12.34 -12.79 -16.21
C HIS B 12 12.72 -11.94 -15.01
N LEU B 13 13.10 -12.57 -13.90
CA LEU B 13 13.51 -11.84 -12.71
C LEU B 13 14.76 -11.03 -12.96
N ARG B 14 15.70 -11.58 -13.73
CA ARG B 14 16.97 -10.89 -13.97
C ARG B 14 16.76 -9.59 -14.73
N ASP B 15 15.93 -9.62 -15.76
CA ASP B 15 15.84 -8.48 -16.67
C ASP B 15 14.81 -7.46 -16.25
N HIS B 16 13.82 -7.83 -15.43
CA HIS B 16 12.70 -6.95 -15.15
C HIS B 16 12.59 -6.51 -13.69
N VAL B 17 13.51 -6.93 -12.83
CA VAL B 17 13.61 -6.39 -11.47
C VAL B 17 14.94 -5.68 -11.38
N ASN B 18 14.92 -4.35 -11.24
CA ASN B 18 16.13 -3.55 -11.23
C ASN B 18 16.60 -3.46 -9.78
N VAL B 19 17.62 -4.24 -9.44
CA VAL B 19 18.14 -4.25 -8.07
C VAL B 19 19.18 -3.13 -8.00
N SER B 20 18.73 -1.97 -7.56
CA SER B 20 19.56 -0.78 -7.55
C SER B 20 19.24 0.05 -6.32
N MET B 21 20.22 0.82 -5.87
CA MET B 21 20.09 1.70 -4.72
C MET B 21 19.91 3.14 -5.17
N VAL B 22 19.37 3.96 -4.26
CA VAL B 22 19.31 5.40 -4.48
C VAL B 22 20.71 5.96 -4.59
N GLU B 23 20.93 6.82 -5.59
CA GLU B 23 22.25 7.41 -5.81
C GLU B 23 22.23 8.92 -5.59
N VAL B 24 23.42 9.48 -5.41
CA VAL B 24 23.57 10.91 -5.15
C VAL B 24 23.05 11.74 -6.30
N THR B 25 22.85 11.15 -7.47
CA THR B 25 22.35 11.85 -8.65
C THR B 25 20.82 11.78 -8.77
N ASP B 26 20.13 11.07 -7.87
CA ASP B 26 18.67 10.95 -7.92
C ASP B 26 18.06 12.08 -7.09
N PHE B 27 17.41 13.03 -7.75
CA PHE B 27 16.72 14.08 -7.02
C PHE B 27 15.67 13.47 -6.09
N PRO B 28 15.56 13.94 -4.84
CA PRO B 28 16.25 15.07 -4.22
C PRO B 28 17.47 14.73 -3.36
N PHE B 29 18.10 13.60 -3.64
CA PHE B 29 19.29 13.25 -2.87
C PHE B 29 20.53 13.99 -3.38
N ASN B 30 20.36 14.88 -4.35
CA ASN B 30 21.40 15.77 -4.82
C ASN B 30 21.22 17.20 -4.30
N THR B 31 20.32 17.42 -3.34
CA THR B 31 20.19 18.72 -2.70
C THR B 31 21.24 18.90 -1.59
N SER B 32 21.42 20.16 -1.18
CA SER B 32 22.39 20.49 -0.14
CA SER B 32 22.41 20.46 -0.16
C SER B 32 22.13 19.71 1.14
N GLU B 33 20.85 19.54 1.48
CA GLU B 33 20.46 18.86 2.70
C GLU B 33 21.01 17.43 2.77
N TRP B 34 21.23 16.81 1.61
CA TRP B 34 21.70 15.44 1.53
C TRP B 34 23.18 15.32 1.18
N GLU B 35 23.90 16.44 1.07
CA GLU B 35 25.29 16.40 0.64
C GLU B 35 26.12 15.52 1.58
N GLY B 36 26.85 14.56 0.99
CA GLY B 36 27.79 13.73 1.74
C GLY B 36 27.19 12.52 2.42
N TYR B 37 25.87 12.35 2.37
CA TYR B 37 25.25 11.27 3.15
C TYR B 37 25.20 9.93 2.41
N LEU B 38 24.81 9.90 1.14
CA LEU B 38 24.69 8.61 0.47
C LEU B 38 26.06 8.09 0.06
N PRO B 39 26.26 6.76 0.04
CA PRO B 39 27.51 6.24 -0.52
C PRO B 39 27.66 6.68 -1.96
N LYS B 40 28.86 7.16 -2.29
CA LYS B 40 29.13 7.55 -3.67
C LYS B 40 29.49 6.33 -4.51
N GLU B 41 30.06 5.30 -3.90
CA GLU B 41 30.44 4.10 -4.63
C GLU B 41 29.28 3.10 -4.61
N SER B 42 29.02 2.51 -5.78
CA SER B 42 27.94 1.56 -5.96
C SER B 42 28.12 0.37 -5.03
N ILE B 43 26.99 -0.21 -4.59
CA ILE B 43 27.08 -1.39 -3.74
C ILE B 43 27.76 -2.54 -4.49
N ARG B 44 27.65 -2.56 -5.82
CA ARG B 44 28.23 -3.65 -6.59
CA ARG B 44 28.23 -3.66 -6.58
C ARG B 44 29.74 -3.63 -6.58
N THR B 45 30.36 -2.53 -6.14
CA THR B 45 31.81 -2.48 -5.96
C THR B 45 32.25 -2.81 -4.55
N LYS B 46 31.35 -2.69 -3.57
CA LYS B 46 31.65 -3.04 -2.19
C LYS B 46 31.24 -4.45 -1.81
N ALA B 47 30.27 -5.02 -2.53
CA ALA B 47 29.67 -6.30 -2.21
C ALA B 47 29.94 -7.27 -3.36
N GLY B 48 30.95 -8.11 -3.21
CA GLY B 48 31.23 -9.12 -4.22
C GLY B 48 31.86 -8.56 -5.48
N PRO B 49 31.64 -9.22 -6.63
CA PRO B 49 30.87 -10.45 -6.86
C PRO B 49 31.39 -11.64 -6.05
N TRP B 50 30.47 -12.48 -5.58
CA TRP B 50 30.80 -13.58 -4.70
C TRP B 50 30.44 -14.92 -5.35
N GLY B 51 31.07 -15.98 -4.87
CA GLY B 51 30.79 -17.31 -5.36
C GLY B 51 29.60 -17.99 -4.69
N ARG B 52 29.69 -18.19 -3.38
CA ARG B 52 28.66 -18.89 -2.62
C ARG B 52 28.21 -17.97 -1.50
N CYS B 53 26.89 -17.80 -1.36
CA CYS B 53 26.35 -16.89 -0.36
C CYS B 53 25.22 -17.56 0.40
N ALA B 54 24.95 -17.03 1.58
CA ALA B 54 23.85 -17.50 2.40
C ALA B 54 22.88 -16.35 2.67
N VAL B 55 21.60 -16.68 2.68
CA VAL B 55 20.53 -15.84 3.22
C VAL B 55 19.99 -16.55 4.44
N VAL B 56 19.99 -15.88 5.59
CA VAL B 56 19.55 -16.49 6.84
C VAL B 56 18.27 -15.79 7.28
N SER B 57 17.16 -16.52 7.25
CA SER B 57 15.92 -15.95 7.77
CA SER B 57 15.91 -15.99 7.78
C SER B 57 16.05 -15.71 9.27
N SER B 58 15.06 -15.04 9.84
CA SER B 58 15.06 -14.81 11.27
C SER B 58 14.11 -15.77 11.98
N ALA B 59 13.64 -16.80 11.28
CA ALA B 59 12.58 -17.66 11.77
C ALA B 59 12.95 -18.38 13.05
N GLY B 60 11.92 -18.64 13.87
CA GLY B 60 12.14 -19.40 15.08
C GLY B 60 12.68 -20.80 14.84
N SER B 61 12.43 -21.35 13.64
CA SER B 61 12.93 -22.69 13.29
C SER B 61 14.44 -22.76 13.15
N LEU B 62 15.17 -21.63 13.22
CA LEU B 62 16.63 -21.72 13.29
C LEU B 62 17.14 -22.10 14.67
N LYS B 63 16.34 -21.91 15.72
CA LYS B 63 16.77 -22.32 17.05
C LYS B 63 16.94 -23.83 17.10
N SER B 64 18.07 -24.27 17.66
CA SER B 64 18.47 -25.67 17.74
C SER B 64 18.74 -26.31 16.38
N SER B 65 18.87 -25.52 15.32
CA SER B 65 19.16 -26.09 14.00
C SER B 65 20.60 -26.52 13.86
N GLN B 66 21.50 -25.94 14.64
CA GLN B 66 22.93 -26.19 14.53
C GLN B 66 23.45 -25.95 13.11
N LEU B 67 22.90 -24.92 12.44
CA LEU B 67 23.31 -24.59 11.08
C LEU B 67 24.51 -23.64 10.99
N GLY B 68 25.12 -23.28 12.12
CA GLY B 68 26.12 -22.21 12.12
C GLY B 68 27.32 -22.50 11.22
N ARG B 69 27.84 -23.73 11.27
CA ARG B 69 29.01 -24.01 10.43
C ARG B 69 28.65 -24.01 8.96
N GLU B 70 27.49 -24.57 8.63
CA GLU B 70 27.05 -24.55 7.24
C GLU B 70 26.85 -23.12 6.75
N ILE B 71 26.30 -22.25 7.60
CA ILE B 71 26.05 -20.88 7.19
C ILE B 71 27.38 -20.13 6.99
N ASP B 72 28.33 -20.31 7.92
CA ASP B 72 29.59 -19.59 7.83
C ASP B 72 30.44 -20.04 6.66
N ASP B 73 30.17 -21.22 6.08
CA ASP B 73 30.93 -21.74 4.95
C ASP B 73 30.44 -21.11 3.66
N HIS B 74 30.46 -19.77 3.61
CA HIS B 74 30.04 -19.00 2.44
C HIS B 74 30.90 -17.74 2.35
N ASP B 75 30.94 -17.14 1.15
CA ASP B 75 31.69 -15.90 0.98
C ASP B 75 31.00 -14.73 1.68
N ALA B 76 29.68 -14.77 1.75
CA ALA B 76 28.90 -13.68 2.32
C ALA B 76 27.60 -14.24 2.89
N VAL B 77 27.10 -13.57 3.93
CA VAL B 77 25.87 -13.94 4.61
C VAL B 77 25.00 -12.70 4.72
N LEU B 78 23.74 -12.80 4.29
CA LEU B 78 22.76 -11.73 4.47
C LEU B 78 21.82 -12.09 5.62
N ARG B 79 21.56 -11.12 6.50
CA ARG B 79 20.60 -11.27 7.59
C ARG B 79 19.60 -10.11 7.53
N PHE B 80 18.58 -10.16 8.40
CA PHE B 80 17.48 -9.21 8.34
C PHE B 80 17.30 -8.46 9.65
N ASN B 81 16.96 -7.19 9.53
CA ASN B 81 16.53 -6.32 10.65
C ASN B 81 17.53 -6.45 11.80
N GLY B 82 17.10 -6.70 13.02
CA GLY B 82 18.01 -6.76 14.14
C GLY B 82 18.44 -8.16 14.54
N ALA B 83 18.37 -9.10 13.61
CA ALA B 83 18.68 -10.49 13.96
C ALA B 83 20.11 -10.62 14.47
N PRO B 84 20.33 -11.14 15.67
CA PRO B 84 21.68 -11.18 16.24
C PRO B 84 22.41 -12.49 15.99
N THR B 85 23.74 -12.44 15.97
CA THR B 85 24.52 -13.66 16.02
C THR B 85 25.01 -13.98 17.41
N ALA B 86 25.27 -12.96 18.25
CA ALA B 86 25.76 -13.21 19.61
C ALA B 86 24.79 -14.09 20.39
N ASN B 87 25.34 -15.11 21.04
CA ASN B 87 24.62 -16.13 21.81
C ASN B 87 23.81 -17.08 20.94
N PHE B 88 23.94 -16.99 19.61
CA PHE B 88 23.23 -17.89 18.70
C PHE B 88 24.15 -18.46 17.62
N GLN B 89 25.48 -18.32 17.76
CA GLN B 89 26.37 -18.63 16.64
C GLN B 89 26.31 -20.09 16.23
N GLN B 90 26.08 -21.01 17.19
CA GLN B 90 26.00 -22.42 16.80
C GLN B 90 24.82 -22.68 15.89
N ASP B 91 23.77 -21.86 15.97
CA ASP B 91 22.58 -22.04 15.16
C ASP B 91 22.60 -21.21 13.89
N VAL B 92 23.08 -19.96 13.95
CA VAL B 92 22.90 -19.05 12.82
C VAL B 92 24.21 -18.55 12.23
N GLY B 93 25.35 -18.96 12.77
CA GLY B 93 26.64 -18.53 12.25
C GLY B 93 27.16 -17.30 12.93
N THR B 94 28.35 -16.86 12.48
CA THR B 94 29.09 -15.78 13.11
C THR B 94 29.24 -14.53 12.25
N LYS B 95 29.10 -14.62 10.94
CA LYS B 95 29.41 -13.47 10.10
C LYS B 95 28.14 -12.83 9.58
N THR B 96 28.23 -11.52 9.35
CA THR B 96 27.14 -10.75 8.78
C THR B 96 27.75 -9.82 7.75
N THR B 97 27.49 -10.11 6.48
CA THR B 97 28.06 -9.33 5.39
C THR B 97 27.13 -8.24 4.89
N ILE B 98 25.85 -8.56 4.78
CA ILE B 98 24.82 -7.61 4.40
C ILE B 98 23.66 -7.76 5.38
N ARG B 99 23.10 -6.62 5.80
CA ARG B 99 21.95 -6.63 6.70
C ARG B 99 20.86 -5.78 6.07
N LEU B 100 19.75 -6.41 5.69
CA LEU B 100 18.64 -5.71 5.05
C LEU B 100 17.60 -5.39 6.11
N MET B 101 17.26 -4.10 6.22
CA MET B 101 16.39 -3.61 7.30
C MET B 101 15.19 -2.90 6.71
N ASN B 102 14.03 -3.11 7.34
CA ASN B 102 12.89 -2.30 6.93
C ASN B 102 12.94 -0.91 7.57
N SER B 103 12.30 0.05 6.91
CA SER B 103 12.33 1.42 7.38
C SER B 103 11.65 1.58 8.73
N GLN B 104 10.74 0.67 9.08
CA GLN B 104 10.12 0.74 10.41
C GLN B 104 11.18 0.62 11.49
N LEU B 105 12.14 -0.28 11.31
CA LEU B 105 13.21 -0.46 12.29
CA LEU B 105 13.21 -0.46 12.29
C LEU B 105 14.05 0.81 12.41
N VAL B 106 14.53 1.33 11.28
CA VAL B 106 15.41 2.49 11.34
C VAL B 106 14.69 3.68 11.95
N THR B 107 13.38 3.80 11.71
CA THR B 107 12.61 4.94 12.19
C THR B 107 12.26 4.82 13.67
N THR B 108 11.85 3.64 14.13
CA THR B 108 11.23 3.53 15.46
C THR B 108 11.99 2.68 16.46
N GLU B 109 13.00 1.91 16.06
CA GLU B 109 13.72 1.05 16.99
C GLU B 109 14.91 1.83 17.57
N LYS B 110 14.80 2.26 18.83
CA LYS B 110 15.87 3.04 19.44
C LYS B 110 17.22 2.32 19.42
N ARG B 111 17.19 0.99 19.54
CA ARG B 111 18.44 0.24 19.57
C ARG B 111 19.21 0.33 18.26
N PHE B 112 18.57 0.75 17.16
CA PHE B 112 19.31 0.87 15.91
C PHE B 112 20.48 1.84 16.05
N LEU B 113 20.32 2.91 16.82
CA LEU B 113 21.38 3.89 16.99
C LEU B 113 22.33 3.56 18.13
N LYS B 114 22.11 2.45 18.85
CA LYS B 114 22.92 2.11 20.01
C LYS B 114 23.61 0.75 19.92
N ASP B 115 22.94 -0.27 19.38
CA ASP B 115 23.43 -1.65 19.46
C ASP B 115 24.57 -1.88 18.46
N SER B 116 25.67 -2.47 18.93
CA SER B 116 26.82 -2.64 18.04
C SER B 116 26.61 -3.69 16.97
N LEU B 117 25.56 -4.52 17.06
CA LEU B 117 25.35 -5.54 16.02
C LEU B 117 25.16 -4.92 14.64
N TYR B 118 24.64 -3.68 14.58
CA TYR B 118 24.43 -3.03 13.29
C TYR B 118 25.71 -2.58 12.61
N ASN B 119 26.83 -2.51 13.35
CA ASN B 119 28.02 -1.86 12.82
C ASN B 119 28.83 -2.73 11.87
N GLU B 120 28.48 -4.01 11.74
CA GLU B 120 29.21 -4.95 10.90
C GLU B 120 28.60 -5.00 9.50
N GLY B 121 29.46 -5.15 8.49
CA GLY B 121 28.96 -5.40 7.14
C GLY B 121 28.33 -4.18 6.46
N ILE B 122 27.60 -4.47 5.40
CA ILE B 122 26.90 -3.44 4.59
C ILE B 122 25.44 -3.41 5.02
N LEU B 123 24.91 -2.22 5.25
CA LEU B 123 23.50 -2.06 5.61
C LEU B 123 22.71 -1.64 4.37
N ILE B 124 21.49 -2.16 4.26
CA ILE B 124 20.51 -1.69 3.28
C ILE B 124 19.20 -1.46 4.02
N VAL B 125 18.58 -0.29 3.79
CA VAL B 125 17.24 -0.03 4.31
C VAL B 125 16.29 0.12 3.13
N TRP B 126 15.08 -0.40 3.30
CA TRP B 126 14.05 -0.21 2.28
C TRP B 126 12.75 0.24 2.91
N ASP B 127 11.98 0.99 2.14
CA ASP B 127 10.72 1.58 2.61
C ASP B 127 9.63 1.27 1.60
N PRO B 128 8.49 0.73 2.02
CA PRO B 128 7.37 0.52 1.09
C PRO B 128 6.89 1.84 0.52
N SER B 129 6.65 1.85 -0.78
CA SER B 129 6.20 3.03 -1.49
C SER B 129 4.84 2.75 -2.11
N VAL B 130 4.19 3.83 -2.56
CA VAL B 130 3.00 3.65 -3.38
C VAL B 130 3.39 2.97 -4.69
N TYR B 131 2.58 2.01 -5.11
CA TYR B 131 2.80 1.33 -6.37
C TYR B 131 2.94 2.32 -7.52
N HIS B 132 4.04 2.18 -8.27
CA HIS B 132 4.39 2.99 -9.44
C HIS B 132 4.74 4.44 -9.09
N SER B 133 5.16 4.70 -7.86
CA SER B 133 5.71 6.01 -7.53
CA SER B 133 5.71 6.01 -7.53
C SER B 133 7.20 6.06 -7.87
N ASP B 134 7.65 7.24 -8.30
CA ASP B 134 9.07 7.40 -8.56
C ASP B 134 9.74 7.95 -7.30
N ILE B 135 11.04 8.21 -7.38
CA ILE B 135 11.79 8.62 -6.18
C ILE B 135 11.31 9.96 -5.63
N PRO B 136 11.15 11.03 -6.44
CA PRO B 136 10.70 12.31 -5.84
C PRO B 136 9.32 12.22 -5.21
N LYS B 137 8.41 11.44 -5.79
CA LYS B 137 7.08 11.29 -5.22
C LYS B 137 7.12 10.49 -3.93
N TRP B 138 7.86 9.39 -3.93
CA TRP B 138 8.00 8.59 -2.72
C TRP B 138 8.64 9.40 -1.59
N TYR B 139 9.67 10.18 -1.93
CA TYR B 139 10.37 10.97 -0.93
C TYR B 139 9.42 11.87 -0.16
N GLN B 140 8.41 12.41 -0.83
CA GLN B 140 7.48 13.32 -0.17
C GLN B 140 6.65 12.65 0.93
N ASN B 141 6.48 11.33 0.90
CA ASN B 141 5.72 10.71 1.97
C ASN B 141 6.12 9.24 2.12
N PRO B 142 7.27 8.98 2.71
CA PRO B 142 7.68 7.60 2.95
C PRO B 142 6.72 6.90 3.91
N ASP B 143 6.68 5.58 3.82
CA ASP B 143 5.87 4.80 4.75
C ASP B 143 6.30 5.08 6.19
N TYR B 144 7.58 4.91 6.47
CA TYR B 144 8.19 5.31 7.73
C TYR B 144 9.30 6.31 7.40
N ASN B 145 9.25 7.49 8.02
CA ASN B 145 10.22 8.52 7.63
C ASN B 145 11.51 8.27 8.39
N PHE B 146 12.38 7.47 7.76
CA PHE B 146 13.63 7.01 8.35
C PHE B 146 14.80 7.97 8.09
N PHE B 147 14.56 9.06 7.36
CA PHE B 147 15.67 9.87 6.83
C PHE B 147 16.51 10.48 7.94
N ASN B 148 15.87 11.00 9.00
CA ASN B 148 16.64 11.62 10.07
C ASN B 148 17.54 10.60 10.76
N ASN B 149 17.02 9.40 11.05
CA ASN B 149 17.85 8.41 11.74
C ASN B 149 18.90 7.81 10.81
N TYR B 150 18.60 7.71 9.52
CA TYR B 150 19.62 7.36 8.55
C TYR B 150 20.79 8.34 8.62
N LYS B 151 20.49 9.64 8.53
CA LYS B 151 21.54 10.66 8.60
C LYS B 151 22.31 10.59 9.92
N THR B 152 21.60 10.40 11.04
CA THR B 152 22.28 10.31 12.33
C THR B 152 23.23 9.12 12.36
N TYR B 153 22.78 7.97 11.86
CA TYR B 153 23.64 6.79 11.84
C TYR B 153 24.84 7.00 10.94
N ARG B 154 24.63 7.60 9.77
CA ARG B 154 25.73 7.88 8.85
C ARG B 154 26.80 8.73 9.51
N LYS B 155 26.40 9.69 10.33
CA LYS B 155 27.38 10.54 11.00
C LYS B 155 28.10 9.81 12.13
N LEU B 156 27.42 8.88 12.80
CA LEU B 156 28.05 8.06 13.82
C LEU B 156 29.01 7.04 13.22
N HIS B 157 28.74 6.58 12.01
CA HIS B 157 29.47 5.47 11.39
C HIS B 157 29.74 5.81 9.94
N PRO B 158 30.56 6.83 9.69
CA PRO B 158 30.71 7.33 8.31
C PRO B 158 31.36 6.35 7.37
N ASN B 159 32.08 5.34 7.86
CA ASN B 159 32.81 4.42 7.00
C ASN B 159 32.12 3.06 6.88
N GLN B 160 30.87 2.92 7.33
CA GLN B 160 30.09 1.72 7.07
C GLN B 160 29.16 1.98 5.91
N PRO B 161 29.26 1.24 4.80
CA PRO B 161 28.34 1.47 3.68
C PRO B 161 26.91 1.20 4.09
N PHE B 162 26.01 2.12 3.72
CA PHE B 162 24.62 2.08 4.18
C PHE B 162 23.79 2.64 3.02
N TYR B 163 23.10 1.75 2.32
CA TYR B 163 22.38 2.07 1.09
C TYR B 163 20.88 2.10 1.34
N ILE B 164 20.18 2.84 0.46
CA ILE B 164 18.72 2.90 0.43
C ILE B 164 18.25 2.21 -0.85
N LEU B 165 17.43 1.18 -0.71
CA LEU B 165 16.91 0.47 -1.88
C LEU B 165 15.97 1.38 -2.67
N LYS B 166 16.06 1.32 -3.99
CA LYS B 166 15.14 2.13 -4.79
C LYS B 166 13.69 1.69 -4.53
N PRO B 167 12.74 2.63 -4.49
CA PRO B 167 11.35 2.28 -4.17
C PRO B 167 10.71 1.36 -5.21
N GLN B 168 11.14 1.43 -6.47
CA GLN B 168 10.51 0.64 -7.51
C GLN B 168 10.82 -0.84 -7.41
N MET B 169 11.92 -1.23 -6.76
CA MET B 169 12.33 -2.62 -6.86
C MET B 169 11.32 -3.59 -6.26
N PRO B 170 10.78 -3.37 -5.05
CA PRO B 170 9.85 -4.35 -4.50
C PRO B 170 8.60 -4.53 -5.36
N TRP B 171 8.15 -3.48 -6.03
CA TRP B 171 6.95 -3.59 -6.85
C TRP B 171 7.23 -4.27 -8.18
N GLU B 172 8.45 -4.16 -8.69
CA GLU B 172 8.84 -4.95 -9.86
C GLU B 172 8.80 -6.43 -9.54
N LEU B 173 9.31 -6.83 -8.36
CA LEU B 173 9.19 -8.21 -7.96
C LEU B 173 7.74 -8.61 -7.74
N TRP B 174 6.93 -7.70 -7.16
CA TRP B 174 5.51 -7.99 -6.95
C TRP B 174 4.81 -8.29 -8.26
N ASP B 175 5.14 -7.53 -9.31
CA ASP B 175 4.53 -7.72 -10.62
C ASP B 175 4.73 -9.14 -11.13
N ILE B 176 5.89 -9.71 -10.88
CA ILE B 176 6.15 -11.07 -11.34
C ILE B 176 5.42 -12.09 -10.47
N LEU B 177 5.39 -11.86 -9.15
CA LEU B 177 4.57 -12.70 -8.29
C LEU B 177 3.11 -12.68 -8.71
N GLN B 178 2.62 -11.54 -9.16
CA GLN B 178 1.21 -11.48 -9.56
C GLN B 178 0.97 -12.31 -10.81
N GLU B 179 1.87 -12.20 -11.80
CA GLU B 179 1.77 -13.01 -13.01
C GLU B 179 1.57 -14.48 -12.70
N ILE B 180 2.29 -14.99 -11.69
CA ILE B 180 2.26 -16.41 -11.37
C ILE B 180 1.01 -16.76 -10.57
N SER B 181 0.60 -15.90 -9.64
CA SER B 181 -0.53 -16.20 -8.75
C SER B 181 -1.50 -15.03 -8.74
N PRO B 182 -2.16 -14.76 -9.87
CA PRO B 182 -3.02 -13.56 -9.96
C PRO B 182 -4.15 -13.56 -8.95
N GLU B 183 -4.71 -14.72 -8.63
CA GLU B 183 -5.88 -14.79 -7.75
C GLU B 183 -5.54 -14.80 -6.26
N GLU B 184 -4.31 -15.17 -5.90
CA GLU B 184 -3.93 -15.31 -4.50
C GLU B 184 -3.13 -14.14 -3.97
N ILE B 185 -2.52 -13.33 -4.83
CA ILE B 185 -1.57 -12.34 -4.34
C ILE B 185 -2.32 -11.26 -3.57
N GLN B 186 -1.67 -10.75 -2.51
CA GLN B 186 -2.15 -9.69 -1.65
C GLN B 186 -1.44 -8.39 -2.01
N PRO B 187 -2.08 -7.23 -1.80
CA PRO B 187 -1.48 -5.97 -2.23
C PRO B 187 -0.34 -5.47 -1.35
N ASN B 188 0.12 -6.26 -0.38
CA ASN B 188 1.33 -5.88 0.36
C ASN B 188 2.56 -6.11 -0.51
N PRO B 189 3.61 -5.30 -0.32
CA PRO B 189 4.86 -5.56 -1.05
C PRO B 189 5.48 -6.87 -0.61
N PRO B 190 6.41 -7.40 -1.39
CA PRO B 190 7.08 -8.65 -1.01
C PRO B 190 7.77 -8.52 0.34
N SER B 191 7.93 -9.66 1.02
CA SER B 191 8.59 -9.66 2.31
C SER B 191 10.07 -9.28 2.18
N SER B 192 10.65 -8.80 3.28
CA SER B 192 12.10 -8.54 3.27
C SER B 192 12.87 -9.78 2.86
N GLY B 193 12.44 -10.96 3.33
CA GLY B 193 13.12 -12.20 2.96
C GLY B 193 13.20 -12.38 1.45
N MET B 194 12.08 -12.16 0.76
CA MET B 194 12.09 -12.27 -0.70
C MET B 194 13.01 -11.23 -1.33
N LEU B 195 12.98 -10.00 -0.85
CA LEU B 195 13.88 -8.99 -1.37
C LEU B 195 15.34 -9.39 -1.15
N GLY B 196 15.65 -9.93 0.02
CA GLY B 196 17.03 -10.32 0.30
C GLY B 196 17.52 -11.41 -0.61
N ILE B 197 16.64 -12.35 -0.96
CA ILE B 197 17.00 -13.42 -1.90
C ILE B 197 17.36 -12.82 -3.26
N ILE B 198 16.52 -11.91 -3.78
CA ILE B 198 16.81 -11.34 -5.09
C ILE B 198 18.08 -10.49 -5.05
N ILE B 199 18.32 -9.79 -3.94
CA ILE B 199 19.55 -9.01 -3.83
C ILE B 199 20.77 -9.93 -3.91
N MET B 200 20.75 -11.04 -3.16
CA MET B 200 21.91 -11.92 -3.19
C MET B 200 22.05 -12.63 -4.54
N MET B 201 20.95 -12.91 -5.24
CA MET B 201 21.07 -13.46 -6.58
C MET B 201 21.75 -12.48 -7.54
N THR B 202 21.74 -11.19 -7.21
CA THR B 202 22.41 -10.17 -8.01
C THR B 202 23.91 -10.11 -7.72
N LEU B 203 24.34 -10.56 -6.54
CA LEU B 203 25.72 -10.38 -6.11
C LEU B 203 26.52 -11.67 -6.04
N CYS B 204 25.88 -12.83 -6.24
CA CYS B 204 26.43 -14.14 -5.94
C CYS B 204 26.19 -15.11 -7.07
N ASP B 205 27.05 -16.13 -7.17
CA ASP B 205 26.82 -17.18 -8.16
C ASP B 205 25.82 -18.23 -7.66
N GLN B 206 25.74 -18.43 -6.35
CA GLN B 206 24.86 -19.44 -5.78
C GLN B 206 24.40 -18.94 -4.42
N VAL B 207 23.12 -19.11 -4.13
CA VAL B 207 22.51 -18.55 -2.93
C VAL B 207 21.86 -19.68 -2.15
N ASP B 208 22.42 -19.98 -0.98
CA ASP B 208 21.81 -20.94 -0.06
C ASP B 208 20.90 -20.16 0.88
N ILE B 209 19.66 -20.61 1.00
CA ILE B 209 18.62 -19.89 1.74
C ILE B 209 18.16 -20.78 2.89
N TYR B 210 18.30 -20.30 4.13
CA TYR B 210 18.08 -21.12 5.31
C TYR B 210 16.82 -20.72 6.05
N GLU B 211 15.92 -21.69 6.21
CA GLU B 211 14.67 -21.58 6.99
C GLU B 211 13.76 -20.47 6.47
N PHE B 212 13.78 -20.25 5.16
CA PHE B 212 12.71 -19.56 4.45
C PHE B 212 11.62 -20.55 4.04
N LEU B 213 12.01 -21.59 3.32
CA LEU B 213 11.16 -22.78 3.22
C LEU B 213 11.21 -23.53 4.53
N PRO B 214 10.08 -23.94 5.09
CA PRO B 214 10.09 -24.53 6.43
C PRO B 214 10.72 -25.92 6.42
N SER B 215 11.48 -26.20 7.46
CA SER B 215 12.05 -27.51 7.68
C SER B 215 11.15 -28.29 8.65
N LYS B 216 11.69 -29.37 9.22
CA LYS B 216 11.00 -30.09 10.28
C LYS B 216 10.89 -29.27 11.56
N ARG B 217 11.66 -28.20 11.69
CA ARG B 217 11.64 -27.37 12.89
C ARG B 217 10.58 -26.27 12.84
N LYS B 218 9.72 -26.27 11.82
CA LYS B 218 8.69 -25.26 11.69
C LYS B 218 7.95 -25.04 13.00
N THR B 219 7.69 -23.77 13.31
CA THR B 219 7.20 -23.43 14.65
C THR B 219 6.44 -22.12 14.59
N ASP B 220 5.57 -21.92 15.58
CA ASP B 220 4.85 -20.67 15.77
C ASP B 220 5.72 -19.58 16.41
N VAL B 221 6.88 -19.93 16.95
CA VAL B 221 7.83 -18.91 17.38
C VAL B 221 8.28 -18.11 16.17
N CYS B 222 8.10 -16.78 16.24
CA CYS B 222 8.32 -15.94 15.07
C CYS B 222 9.80 -15.72 14.79
N TYR B 223 10.61 -15.55 15.83
CA TYR B 223 12.01 -15.19 15.69
C TYR B 223 12.84 -16.10 16.56
N TYR B 224 13.99 -16.54 16.04
CA TYR B 224 14.83 -17.45 16.82
C TYR B 224 15.36 -16.79 18.10
N TYR B 225 15.38 -15.46 18.15
CA TYR B 225 15.89 -14.72 19.29
C TYR B 225 14.77 -14.22 20.19
N GLN B 226 13.54 -14.65 19.93
CA GLN B 226 12.42 -14.23 20.76
C GLN B 226 12.49 -14.91 22.13
N LYS B 227 12.15 -14.17 23.18
CA LYS B 227 12.12 -14.73 24.53
C LYS B 227 10.72 -15.15 24.98
N PHE B 228 9.68 -14.54 24.41
CA PHE B 228 8.28 -14.84 24.72
C PHE B 228 7.44 -14.17 23.65
N PHE B 229 6.15 -14.50 23.63
CA PHE B 229 5.25 -13.94 22.62
C PHE B 229 4.76 -12.57 23.06
N ASP B 230 4.80 -11.60 22.15
CA ASP B 230 4.25 -10.27 22.41
C ASP B 230 3.71 -9.71 21.11
N SER B 231 3.62 -8.37 21.02
CA SER B 231 3.02 -7.78 19.83
C SER B 231 3.86 -8.03 18.58
N ALA B 232 5.15 -8.37 18.74
CA ALA B 232 5.98 -8.74 17.60
C ALA B 232 5.70 -10.14 17.09
N CYS B 233 4.92 -10.95 17.82
CA CYS B 233 4.57 -12.31 17.40
C CYS B 233 3.17 -12.63 17.92
N THR B 234 2.16 -12.36 17.10
CA THR B 234 0.78 -12.50 17.52
C THR B 234 -0.03 -13.49 16.69
N PRO B 240 6.46 -16.84 5.45
CA PRO B 240 6.30 -16.12 4.19
C PRO B 240 5.02 -16.50 3.47
N LEU B 241 4.49 -15.57 2.66
CA LEU B 241 3.30 -15.86 1.88
C LEU B 241 3.52 -17.12 1.05
N LEU B 242 2.45 -17.90 0.90
CA LEU B 242 2.59 -19.18 0.20
C LEU B 242 3.13 -18.98 -1.19
N TYR B 243 2.72 -17.90 -1.88
CA TYR B 243 3.23 -17.67 -3.22
C TYR B 243 4.68 -17.21 -3.22
N GLU B 244 5.18 -16.64 -2.12
CA GLU B 244 6.61 -16.37 -2.05
C GLU B 244 7.39 -17.67 -1.90
N LYS B 245 6.95 -18.53 -0.98
CA LYS B 245 7.60 -19.82 -0.83
C LYS B 245 7.51 -20.65 -2.11
N ASN B 246 6.40 -20.54 -2.85
CA ASN B 246 6.27 -21.31 -4.10
C ASN B 246 7.28 -20.86 -5.14
N LEU B 247 7.54 -19.56 -5.24
CA LEU B 247 8.56 -19.10 -6.18
C LEU B 247 9.93 -19.66 -5.81
N VAL B 248 10.26 -19.64 -4.52
CA VAL B 248 11.57 -20.12 -4.11
C VAL B 248 11.68 -21.62 -4.35
N LYS B 249 10.63 -22.37 -4.01
CA LYS B 249 10.62 -23.80 -4.32
C LYS B 249 10.82 -24.06 -5.82
N HIS B 250 10.18 -23.25 -6.66
CA HIS B 250 10.25 -23.48 -8.10
C HIS B 250 11.66 -23.27 -8.62
N LEU B 251 12.40 -22.32 -8.05
CA LEU B 251 13.75 -22.04 -8.49
C LEU B 251 14.80 -22.87 -7.76
N ASN B 252 14.39 -23.66 -6.77
CA ASN B 252 15.33 -24.42 -5.95
C ASN B 252 15.99 -25.51 -6.77
N GLN B 253 17.31 -25.59 -6.70
CA GLN B 253 18.06 -26.66 -7.34
C GLN B 253 18.53 -27.71 -6.34
N GLY B 254 18.23 -27.52 -5.05
CA GLY B 254 18.63 -28.47 -4.04
C GLY B 254 17.63 -29.59 -3.86
N THR B 255 17.95 -30.47 -2.91
CA THR B 255 17.18 -31.68 -2.67
C THR B 255 16.05 -31.43 -1.68
N ASP B 256 15.00 -32.26 -1.78
CA ASP B 256 13.92 -32.20 -0.82
C ASP B 256 14.38 -32.60 0.58
N GLU B 257 15.40 -33.45 0.68
CA GLU B 257 15.89 -33.82 1.99
C GLU B 257 16.58 -32.63 2.66
N ASP B 258 17.23 -31.77 1.87
CA ASP B 258 17.89 -30.60 2.43
C ASP B 258 16.87 -29.58 2.95
N ILE B 259 15.72 -29.46 2.28
CA ILE B 259 14.65 -28.61 2.80
C ILE B 259 14.16 -29.15 4.15
N TYR B 260 13.90 -30.47 4.21
CA TYR B 260 13.29 -31.02 5.40
C TYR B 260 14.23 -31.00 6.60
N LEU B 261 15.51 -31.33 6.40
CA LEU B 261 16.43 -31.47 7.52
C LEU B 261 17.19 -30.19 7.83
N LEU B 262 17.58 -29.42 6.81
CA LEU B 262 18.36 -28.20 6.99
C LEU B 262 17.57 -26.93 6.75
N GLY B 263 16.33 -27.02 6.29
CA GLY B 263 15.62 -25.83 5.86
C GLY B 263 16.35 -25.09 4.77
N LYS B 264 17.06 -25.80 3.90
CA LYS B 264 17.98 -25.21 2.95
C LYS B 264 17.42 -25.32 1.53
N ALA B 265 17.32 -24.18 0.85
CA ALA B 265 17.13 -24.12 -0.59
C ALA B 265 18.39 -23.54 -1.22
N THR B 266 18.62 -23.86 -2.49
CA THR B 266 19.79 -23.39 -3.22
C THR B 266 19.35 -22.82 -4.56
N LEU B 267 19.59 -21.54 -4.76
CA LEU B 267 19.17 -20.86 -5.97
C LEU B 267 20.39 -20.35 -6.70
N PRO B 268 20.49 -20.59 -8.01
CA PRO B 268 21.61 -20.01 -8.77
C PRO B 268 21.46 -18.49 -8.87
N GLY B 269 22.62 -17.81 -8.91
CA GLY B 269 22.65 -16.38 -9.08
C GLY B 269 22.48 -15.97 -10.53
N PHE B 270 22.19 -14.69 -10.74
CA PHE B 270 21.89 -14.21 -12.08
C PHE B 270 23.10 -14.27 -13.00
N ARG B 271 24.32 -14.14 -12.46
CA ARG B 271 25.51 -14.15 -13.30
C ARG B 271 25.68 -15.47 -14.04
N THR B 272 25.17 -16.56 -13.48
CA THR B 272 25.42 -17.89 -14.03
C THR B 272 24.39 -18.35 -15.05
N ILE B 273 23.26 -17.66 -15.17
CA ILE B 273 22.17 -18.15 -16.00
C ILE B 273 22.36 -17.70 -17.44
N HIS B 274 21.74 -18.43 -18.36
CA HIS B 274 21.74 -18.09 -19.78
C HIS B 274 20.31 -17.87 -20.24
N CYS B 275 20.12 -16.85 -21.06
CA CYS B 275 18.78 -16.47 -21.52
C CYS B 275 18.72 -16.37 -23.03
C1 PEG C . -11.96 8.67 -8.44
O1 PEG C . -11.25 7.88 -9.35
C2 PEG C . -11.13 9.33 -7.33
O2 PEG C . -11.36 10.71 -7.27
C3 PEG C . -12.70 11.10 -7.40
C4 PEG C . -12.79 12.44 -8.14
O4 PEG C . -13.17 12.22 -9.47
C1 GOL D . 0.63 0.94 1.24
O1 GOL D . -0.62 0.59 1.82
C2 GOL D . 1.38 1.91 2.15
O2 GOL D . 2.68 2.14 1.65
C3 GOL D . 0.62 3.23 2.19
O3 GOL D . -0.65 2.99 2.78
C1 PEG E . 13.24 -12.55 8.17
O1 PEG E . 12.87 -13.90 8.33
C2 PEG E . 11.99 -11.70 7.95
O2 PEG E . 12.00 -11.18 6.64
C3 PEG E . 10.74 -11.18 6.01
C4 PEG E . 10.53 -12.48 5.26
O4 PEG E . 9.22 -12.96 5.36
#